data_2R8R
#
_entry.id   2R8R
#
_cell.length_a   56.859
_cell.length_b   56.859
_cell.length_c   372.783
_cell.angle_alpha   90.00
_cell.angle_beta   90.00
_cell.angle_gamma   90.00
#
_symmetry.space_group_name_H-M   'P 43 21 2'
#
loop_
_entity.id
_entity.type
_entity.pdbx_description
1 polymer 'Sensor protein'
2 non-polymer 'SULFATE ION'
3 non-polymer GLYCEROL
4 non-polymer DI(HYDROXYETHYL)ETHER
5 water water
#
_entity_poly.entity_id   1
_entity_poly.type   'polypeptide(L)'
_entity_poly.pdbx_seq_one_letter_code
;SNARGRLKVFLGAAPGVGKTYA(MSE)LQAAHAQLRQGVRV(MSE)AGVVETHGRAETEALLNGLPQQPLLRTEYRG
(MSE)TLEE(MSE)DLDALLKAAPSLVLVDELAHTNAPGSRHTKRWQDIQELLAAGIDVYTTVNVQHLESLNDQVRGITG
VQVRETLPDWVLQEAFDLVLIDLPPRELLERLRDGKVYVPEQARAAIDAFFTQTNLTALRE(MSE)A(MSE)QTAAAQVD
NDLAQGYRQLGQSAP
;
_entity_poly.pdbx_strand_id   A,B
#
# COMPACT_ATOMS: atom_id res chain seq x y z
N ALA A 3 18.26 15.31 17.67
CA ALA A 3 17.83 14.31 16.62
C ALA A 3 17.34 15.07 15.39
N ARG A 4 17.88 14.69 14.23
CA ARG A 4 17.46 15.30 12.96
C ARG A 4 16.05 14.89 12.62
N GLY A 5 15.30 15.82 12.01
CA GLY A 5 13.98 15.51 11.47
C GLY A 5 14.11 14.48 10.36
N ARG A 6 13.23 13.50 10.38
CA ARG A 6 13.15 12.46 9.35
C ARG A 6 11.92 12.58 8.48
N LEU A 7 12.18 12.57 7.16
CA LEU A 7 11.13 12.60 6.14
C LEU A 7 10.78 11.20 5.67
N LYS A 8 9.48 10.89 5.70
CA LYS A 8 8.90 9.72 5.04
C LYS A 8 7.95 10.18 3.92
N VAL A 9 8.22 9.72 2.70
CA VAL A 9 7.42 10.05 1.52
C VAL A 9 6.58 8.85 1.16
N PHE A 10 5.27 9.04 1.10
CA PHE A 10 4.34 8.05 0.51
C PHE A 10 4.20 8.41 -0.96
N LEU A 11 4.83 7.61 -1.81
CA LEU A 11 4.88 7.81 -3.25
C LEU A 11 3.79 7.02 -3.96
N GLY A 12 3.15 7.66 -4.96
CA GLY A 12 2.09 7.03 -5.72
C GLY A 12 2.21 7.39 -7.21
N ALA A 13 1.53 6.60 -8.07
CA ALA A 13 1.50 6.82 -9.53
C ALA A 13 0.54 7.95 -9.97
N ALA A 14 -0.49 8.21 -9.15
CA ALA A 14 -1.58 9.09 -9.54
C ALA A 14 -2.43 9.39 -8.34
N PRO A 15 -3.29 10.42 -8.47
CA PRO A 15 -4.38 10.67 -7.56
C PRO A 15 -5.31 9.45 -7.45
N GLY A 16 -5.70 9.11 -6.23
CA GLY A 16 -6.65 8.06 -5.98
C GLY A 16 -6.07 6.72 -5.60
N VAL A 17 -4.75 6.60 -5.50
CA VAL A 17 -4.11 5.33 -5.17
C VAL A 17 -4.08 5.01 -3.69
N GLY A 18 -4.41 5.99 -2.84
CA GLY A 18 -4.47 5.81 -1.39
C GLY A 18 -3.31 6.34 -0.58
N LYS A 19 -2.58 7.28 -1.12
CA LYS A 19 -1.41 7.88 -0.43
C LYS A 19 -1.78 8.54 0.90
N THR A 20 -2.79 9.42 0.86
CA THR A 20 -3.19 10.14 2.06
C THR A 20 -3.73 9.23 3.15
N TYR A 21 -4.60 8.30 2.77
CA TYR A 21 -5.09 7.31 3.72
C TYR A 21 -3.92 6.53 4.38
N ALA A 22 -2.96 6.07 3.58
CA ALA A 22 -1.78 5.38 4.09
C ALA A 22 -0.98 6.24 5.08
N LEU A 24 -2.24 8.67 6.90
CA LEU A 24 -3.01 8.91 8.08
C LEU A 24 -3.05 7.69 9.00
N GLN A 25 -3.07 6.48 8.41
CA GLN A 25 -2.93 5.22 9.17
C GLN A 25 -1.55 5.10 9.80
N ALA A 26 -0.51 5.50 9.11
CA ALA A 26 0.84 5.49 9.68
C ALA A 26 0.88 6.43 10.87
N ALA A 27 0.20 7.56 10.73
CA ALA A 27 0.18 8.62 11.73
C ALA A 27 -0.57 8.20 13.02
N HIS A 28 -1.62 7.42 12.86
CA HIS A 28 -2.38 6.83 13.96
C HIS A 28 -1.57 5.81 14.73
N ALA A 29 -0.78 5.00 14.03
CA ALA A 29 0.11 4.08 14.73
C ALA A 29 1.05 4.88 15.60
N GLN A 30 1.65 5.93 15.07
CA GLN A 30 2.50 6.80 15.87
C GLN A 30 1.76 7.45 17.05
N LEU A 31 0.52 7.90 16.83
CA LEU A 31 -0.26 8.55 17.90
C LEU A 31 -0.46 7.55 19.05
N ARG A 32 -0.80 6.31 18.70
CA ARG A 32 -1.00 5.26 19.67
C ARG A 32 0.24 4.95 20.49
N GLN A 33 1.41 5.08 19.91
CA GLN A 33 2.64 4.86 20.63
C GLN A 33 3.11 6.13 21.42
N GLY A 34 2.25 7.14 21.53
CA GLY A 34 2.53 8.33 22.32
C GLY A 34 3.20 9.50 21.61
N VAL A 35 3.39 9.41 20.28
CA VAL A 35 4.05 10.49 19.50
C VAL A 35 3.12 11.70 19.41
N ARG A 36 3.66 12.89 19.65
CA ARG A 36 2.95 14.11 19.46
C ARG A 36 2.84 14.42 17.96
N VAL A 37 1.74 13.98 17.39
CA VAL A 37 1.44 14.11 15.98
C VAL A 37 0.57 15.34 15.71
N ALA A 39 -1.33 17.32 12.25
CA ALA A 39 -1.65 17.50 10.85
C ALA A 39 -1.39 18.96 10.50
N GLY A 40 -0.46 19.16 9.55
CA GLY A 40 -0.13 20.51 9.05
C GLY A 40 -0.98 20.88 7.87
N VAL A 41 -0.97 20.03 6.86
CA VAL A 41 -1.91 20.11 5.75
C VAL A 41 -2.26 18.72 5.27
N VAL A 42 -3.54 18.41 5.23
CA VAL A 42 -4.02 17.09 4.80
C VAL A 42 -5.24 17.28 3.92
N GLU A 43 -5.16 16.72 2.72
CA GLU A 43 -6.26 16.74 1.73
C GLU A 43 -7.06 15.44 1.77
N THR A 44 -8.26 15.49 2.33
CA THR A 44 -9.09 14.29 2.41
C THR A 44 -9.93 14.07 1.14
N HIS A 45 -10.11 15.14 0.37
CA HIS A 45 -10.72 15.06 -0.95
C HIS A 45 -12.09 14.40 -0.90
N GLY A 46 -12.88 14.69 0.14
CA GLY A 46 -14.25 14.21 0.23
C GLY A 46 -14.45 12.74 0.62
N ARG A 47 -13.36 12.01 0.87
CA ARG A 47 -13.50 10.62 1.28
C ARG A 47 -13.84 10.61 2.77
N ALA A 48 -14.99 10.04 3.12
CA ALA A 48 -15.44 10.01 4.51
C ALA A 48 -14.49 9.18 5.42
N GLU A 49 -13.80 8.17 4.86
CA GLU A 49 -12.97 7.31 5.68
C GLU A 49 -11.68 8.02 6.05
N THR A 50 -11.24 8.88 5.14
CA THR A 50 -10.03 9.67 5.30
C THR A 50 -10.34 10.87 6.20
N GLU A 51 -11.49 11.48 5.99
CA GLU A 51 -11.97 12.49 6.91
C GLU A 51 -12.11 11.94 8.35
N ALA A 52 -12.57 10.70 8.51
CA ALA A 52 -12.66 10.09 9.88
C ALA A 52 -11.28 9.81 10.50
N LEU A 53 -10.28 9.44 9.71
CA LEU A 53 -8.92 9.32 10.27
C LEU A 53 -8.35 10.69 10.68
N LEU A 54 -8.56 11.70 9.84
CA LEU A 54 -8.06 13.01 10.15
C LEU A 54 -8.68 13.60 11.43
N ASN A 55 -9.94 13.34 11.67
CA ASN A 55 -10.62 13.88 12.84
C ASN A 55 -10.19 13.25 14.15
N GLY A 56 -9.47 12.14 14.10
CA GLY A 56 -8.81 11.58 15.27
C GLY A 56 -7.40 12.09 15.59
N LEU A 57 -6.89 13.02 14.78
CA LEU A 57 -5.55 13.53 14.90
C LEU A 57 -5.59 15.02 15.23
N PRO A 58 -4.64 15.50 16.07
CA PRO A 58 -4.55 16.93 16.25
C PRO A 58 -4.31 17.62 14.90
N GLN A 59 -4.88 18.83 14.76
CA GLN A 59 -4.84 19.54 13.49
C GLN A 59 -4.44 20.99 13.70
N GLN A 60 -3.54 21.49 12.85
CA GLN A 60 -3.11 22.88 12.92
C GLN A 60 -3.92 23.72 11.94
N PRO A 61 -4.74 24.67 12.42
CA PRO A 61 -5.50 25.45 11.43
C PRO A 61 -4.65 26.00 10.25
N LEU A 62 -5.19 25.89 9.05
CA LEU A 62 -4.55 26.47 7.88
C LEU A 62 -4.62 28.00 7.87
N LEU A 63 -3.71 28.61 7.13
CA LEU A 63 -3.82 30.03 6.79
C LEU A 63 -4.63 30.21 5.52
N ARG A 64 -5.69 31.01 5.60
CA ARG A 64 -6.44 31.43 4.43
C ARG A 64 -6.01 32.79 3.90
N THR A 65 -5.68 32.88 2.61
CA THR A 65 -5.57 34.15 1.91
C THR A 65 -6.62 34.23 0.80
N GLU A 66 -6.80 35.44 0.27
CA GLU A 66 -7.57 35.68 -0.95
C GLU A 66 -6.62 36.07 -2.07
N TYR A 67 -6.78 35.45 -3.23
CA TYR A 67 -5.94 35.69 -4.40
C TYR A 67 -6.73 35.44 -5.68
N ARG A 68 -7.04 36.50 -6.41
CA ARG A 68 -7.84 36.41 -7.67
C ARG A 68 -9.20 35.77 -7.47
N GLY A 69 -9.92 36.22 -6.43
CA GLY A 69 -11.23 35.65 -6.12
C GLY A 69 -11.18 34.37 -5.30
N THR A 71 -10.00 31.63 -2.47
CA THR A 71 -9.52 31.42 -1.11
C THR A 71 -8.47 30.33 -1.16
N LEU A 72 -7.21 30.73 -0.93
CA LEU A 72 -6.05 29.84 -0.87
C LEU A 72 -5.78 29.46 0.59
N GLU A 73 -5.39 28.20 0.83
CA GLU A 73 -5.07 27.67 2.17
C GLU A 73 -3.62 27.19 2.16
N GLU A 74 -2.86 27.55 3.19
CA GLU A 74 -1.53 27.00 3.38
C GLU A 74 -1.39 26.51 4.80
N ASP A 76 0.22 26.42 8.27
CA ASP A 76 0.70 27.45 9.15
C ASP A 76 2.05 27.06 9.71
N LEU A 77 3.08 27.26 8.90
CA LEU A 77 4.44 26.88 9.19
C LEU A 77 4.96 27.50 10.52
N ASP A 78 4.71 28.80 10.66
CA ASP A 78 5.10 29.55 11.83
C ASP A 78 4.49 28.97 13.10
N ALA A 79 3.22 28.62 13.10
CA ALA A 79 2.61 28.01 14.26
C ALA A 79 3.20 26.61 14.54
N LEU A 80 3.51 25.86 13.47
CA LEU A 80 4.05 24.51 13.64
C LEU A 80 5.45 24.57 14.26
N LEU A 81 6.24 25.56 13.87
CA LEU A 81 7.60 25.69 14.38
C LEU A 81 7.55 26.09 15.84
N LYS A 82 6.56 26.91 16.18
CA LYS A 82 6.39 27.36 17.56
C LYS A 82 5.93 26.22 18.48
N ALA A 83 4.92 25.48 18.05
CA ALA A 83 4.39 24.36 18.84
C ALA A 83 5.38 23.18 18.93
N ALA A 84 6.25 23.09 17.93
CA ALA A 84 7.23 22.01 17.79
C ALA A 84 6.71 20.60 18.05
N PRO A 85 5.75 20.11 17.23
CA PRO A 85 5.32 18.72 17.39
C PRO A 85 6.45 17.75 17.05
N SER A 86 6.22 16.50 17.37
CA SER A 86 7.22 15.51 17.07
C SER A 86 7.15 15.08 15.58
N LEU A 87 5.91 15.00 15.04
CA LEU A 87 5.61 14.56 13.66
C LEU A 87 4.59 15.49 13.04
N VAL A 88 4.90 16.03 11.86
CA VAL A 88 3.92 16.83 11.10
C VAL A 88 3.53 16.10 9.80
N LEU A 89 2.22 16.03 9.57
CA LEU A 89 1.68 15.47 8.34
C LEU A 89 1.42 16.56 7.32
N VAL A 90 2.03 16.36 6.15
CA VAL A 90 2.04 17.38 5.06
C VAL A 90 1.76 16.72 3.70
N ASP A 91 0.51 16.79 3.23
CA ASP A 91 0.14 16.35 1.89
C ASP A 91 0.83 17.20 0.82
N GLU A 92 1.16 16.57 -0.30
CA GLU A 92 1.56 17.27 -1.51
C GLU A 92 2.91 17.98 -1.48
N LEU A 93 3.95 17.16 -1.55
CA LEU A 93 5.36 17.56 -1.41
C LEU A 93 5.82 18.55 -2.51
N ALA A 94 5.27 18.40 -3.71
CA ALA A 94 5.50 19.29 -4.87
C ALA A 94 4.67 20.60 -4.94
N HIS A 95 3.78 20.82 -3.99
CA HIS A 95 2.99 22.05 -3.94
C HIS A 95 3.78 23.36 -4.01
N THR A 96 3.31 24.24 -4.86
CA THR A 96 3.80 25.62 -4.95
C THR A 96 2.90 26.46 -4.06
N ASN A 97 3.49 27.12 -3.06
CA ASN A 97 2.73 27.83 -2.04
C ASN A 97 2.00 29.07 -2.55
N ALA A 98 0.98 29.46 -1.80
CA ALA A 98 0.14 30.61 -2.05
C ALA A 98 0.99 31.85 -2.03
N PRO A 99 0.69 32.83 -2.92
CA PRO A 99 1.47 34.07 -2.94
C PRO A 99 1.59 34.72 -1.56
N GLY A 100 2.76 35.30 -1.27
CA GLY A 100 3.00 35.92 0.04
C GLY A 100 3.58 34.97 1.08
N SER A 101 3.82 33.72 0.68
CA SER A 101 4.37 32.72 1.57
C SER A 101 5.85 32.98 1.67
N ARG A 102 6.43 32.72 2.83
CA ARG A 102 7.86 32.86 3.04
C ARG A 102 8.69 32.10 2.02
N HIS A 103 8.27 30.88 1.68
CA HIS A 103 8.93 30.06 0.68
C HIS A 103 8.07 29.90 -0.56
N THR A 104 8.74 29.73 -1.68
CA THR A 104 8.12 29.41 -2.97
C THR A 104 7.38 28.07 -2.95
N LYS A 105 8.03 27.07 -2.34
CA LYS A 105 7.60 25.70 -2.44
C LYS A 105 7.34 25.11 -1.07
N ARG A 106 6.36 24.23 -0.99
CA ARG A 106 6.07 23.49 0.24
C ARG A 106 7.19 22.56 0.68
N TRP A 107 7.99 22.01 -0.26
CA TRP A 107 9.15 21.22 0.11
C TRP A 107 10.14 22.01 0.98
N GLN A 108 10.26 23.32 0.74
CA GLN A 108 11.08 24.19 1.60
C GLN A 108 10.50 24.36 2.99
N ASP A 109 9.19 24.48 3.09
CA ASP A 109 8.50 24.44 4.37
C ASP A 109 8.88 23.19 5.17
N ILE A 110 8.82 22.05 4.49
CA ILE A 110 9.21 20.78 5.03
C ILE A 110 10.67 20.74 5.46
N GLN A 111 11.57 21.25 4.64
CA GLN A 111 12.98 21.22 5.01
C GLN A 111 13.16 21.99 6.31
N GLU A 112 12.45 23.11 6.46
CA GLU A 112 12.54 23.94 7.66
C GLU A 112 12.05 23.25 8.93
N LEU A 113 10.96 22.51 8.82
CA LEU A 113 10.45 21.68 9.93
C LEU A 113 11.49 20.65 10.29
N LEU A 114 12.05 20.00 9.27
CA LEU A 114 13.05 18.95 9.45
C LEU A 114 14.34 19.47 10.11
N ALA A 115 14.76 20.69 9.76
CA ALA A 115 15.94 21.33 10.39
C ALA A 115 15.67 21.69 11.85
N ALA A 116 14.40 21.89 12.21
CA ALA A 116 13.97 22.13 13.59
C ALA A 116 13.80 20.84 14.38
N GLY A 117 14.09 19.70 13.77
CA GLY A 117 14.03 18.41 14.43
C GLY A 117 12.66 17.77 14.41
N ILE A 118 11.75 18.33 13.62
CA ILE A 118 10.39 17.81 13.50
C ILE A 118 10.38 16.75 12.38
N ASP A 119 9.86 15.57 12.68
CA ASP A 119 9.64 14.54 11.67
C ASP A 119 8.49 14.96 10.76
N VAL A 120 8.58 14.56 9.49
CA VAL A 120 7.55 14.84 8.52
C VAL A 120 7.15 13.62 7.71
N TYR A 121 5.83 13.40 7.59
CA TYR A 121 5.25 12.46 6.61
C TYR A 121 4.66 13.29 5.48
N THR A 122 4.85 12.85 4.25
CA THR A 122 4.36 13.59 3.09
C THR A 122 3.93 12.64 1.99
N THR A 123 3.15 13.16 1.04
CA THR A 123 2.70 12.39 -0.12
C THR A 123 3.13 13.10 -1.40
N VAL A 124 3.41 12.33 -2.44
CA VAL A 124 3.67 12.89 -3.73
C VAL A 124 3.33 11.88 -4.81
N ASN A 125 2.78 12.38 -5.94
CA ASN A 125 2.64 11.59 -7.17
C ASN A 125 3.89 11.66 -8.03
N VAL A 126 4.21 10.56 -8.71
CA VAL A 126 5.48 10.44 -9.39
C VAL A 126 5.70 11.47 -10.50
N GLN A 127 4.61 11.98 -11.08
CA GLN A 127 4.65 12.94 -12.21
C GLN A 127 5.38 14.26 -11.92
N HIS A 128 5.45 14.61 -10.63
CA HIS A 128 6.03 15.86 -10.19
C HIS A 128 7.53 15.88 -10.18
N LEU A 129 8.16 14.72 -10.21
CA LEU A 129 9.62 14.70 -10.25
C LEU A 129 10.18 15.40 -11.51
N GLU A 130 11.12 16.31 -11.30
CA GLU A 130 11.75 17.08 -12.40
C GLU A 130 12.25 16.24 -13.58
N SER A 131 13.04 15.20 -13.26
CA SER A 131 13.60 14.28 -14.26
C SER A 131 12.56 13.62 -15.17
N LEU A 132 11.31 13.54 -14.71
CA LEU A 132 10.20 12.86 -15.39
C LEU A 132 9.19 13.82 -16.08
N ASN A 133 9.41 15.15 -16.01
CA ASN A 133 8.41 16.14 -16.49
C ASN A 133 8.03 15.94 -17.97
N ASP A 134 9.07 15.85 -18.80
CA ASP A 134 8.96 15.63 -20.26
C ASP A 134 8.42 14.24 -20.62
N GLN A 135 8.87 13.19 -19.94
CA GLN A 135 8.27 11.86 -20.13
C GLN A 135 6.78 11.91 -19.82
N VAL A 136 6.39 12.47 -18.69
CA VAL A 136 4.97 12.59 -18.34
C VAL A 136 4.16 13.40 -19.37
N ARG A 137 4.68 14.55 -19.80
CA ARG A 137 4.01 15.39 -20.79
C ARG A 137 3.89 14.67 -22.15
N GLY A 138 4.94 13.93 -22.52
CA GLY A 138 4.96 13.15 -23.74
C GLY A 138 3.94 12.03 -23.76
N ILE A 139 3.63 11.49 -22.59
CA ILE A 139 2.72 10.39 -22.47
C ILE A 139 1.30 10.93 -22.36
N THR A 140 1.07 11.84 -21.42
CA THR A 140 -0.29 12.28 -21.09
C THR A 140 -0.79 13.46 -21.91
N GLY A 141 0.11 14.21 -22.54
CA GLY A 141 -0.20 15.50 -23.17
C GLY A 141 -0.55 16.61 -22.19
N VAL A 142 -0.47 16.34 -20.87
CA VAL A 142 -0.74 17.36 -19.85
C VAL A 142 0.59 17.85 -19.26
N GLN A 143 0.71 19.19 -19.18
CA GLN A 143 1.82 19.89 -18.56
C GLN A 143 1.88 19.70 -17.03
N VAL A 144 3.02 19.28 -16.48
CA VAL A 144 3.16 19.26 -15.02
C VAL A 144 3.80 20.57 -14.57
N ARG A 145 3.00 21.42 -13.96
CA ARG A 145 3.44 22.75 -13.54
C ARG A 145 4.07 22.83 -12.15
N GLU A 146 3.63 21.99 -11.20
CA GLU A 146 4.25 21.93 -9.87
C GLU A 146 5.27 20.78 -9.93
N THR A 147 6.55 21.11 -9.90
CA THR A 147 7.60 20.10 -9.93
C THR A 147 8.40 20.07 -8.61
N LEU A 148 9.13 18.96 -8.44
CA LEU A 148 9.93 18.64 -7.24
C LEU A 148 11.34 18.21 -7.69
N PRO A 149 12.38 18.84 -7.12
CA PRO A 149 13.71 18.33 -7.48
C PRO A 149 13.85 16.91 -6.99
N ASP A 150 14.42 16.07 -7.84
CA ASP A 150 14.56 14.65 -7.51
C ASP A 150 15.29 14.44 -6.18
N TRP A 151 16.29 15.28 -5.90
CA TRP A 151 17.10 15.15 -4.68
C TRP A 151 16.30 15.30 -3.39
N VAL A 152 15.19 16.04 -3.41
CA VAL A 152 14.31 16.18 -2.23
C VAL A 152 13.76 14.80 -1.84
N LEU A 153 13.35 14.05 -2.85
CA LEU A 153 12.86 12.70 -2.62
C LEU A 153 13.98 11.68 -2.35
N GLN A 154 15.09 11.80 -3.07
CA GLN A 154 16.26 10.89 -2.92
C GLN A 154 16.87 10.94 -1.53
N GLU A 155 16.87 12.10 -0.93
CA GLU A 155 17.43 12.27 0.38
C GLU A 155 16.41 12.06 1.50
N ALA A 156 15.20 11.62 1.16
CA ALA A 156 14.19 11.25 2.16
C ALA A 156 14.71 10.09 2.99
N PHE A 157 14.51 10.13 4.30
CA PHE A 157 14.90 9.04 5.16
C PHE A 157 14.22 7.72 4.74
N ASP A 158 12.93 7.79 4.47
CA ASP A 158 12.11 6.64 4.18
C ASP A 158 11.22 6.95 2.97
N LEU A 159 11.03 5.96 2.11
CA LEU A 159 10.11 6.09 1.01
C LEU A 159 9.24 4.85 0.95
N VAL A 160 7.93 5.03 0.88
CA VAL A 160 7.03 3.89 0.69
C VAL A 160 6.19 4.07 -0.57
N LEU A 161 6.20 3.05 -1.44
CA LEU A 161 5.29 2.99 -2.61
C LEU A 161 3.89 2.53 -2.25
N ILE A 162 2.90 3.36 -2.56
CA ILE A 162 1.49 3.04 -2.40
C ILE A 162 1.02 2.73 -3.82
N ASP A 163 0.67 1.46 -4.03
CA ASP A 163 0.42 0.92 -5.35
C ASP A 163 -1.08 0.58 -5.48
N LEU A 164 -1.58 0.69 -6.70
CA LEU A 164 -2.95 0.33 -7.01
C LEU A 164 -3.01 0.00 -8.49
N PRO A 165 -3.64 -1.13 -8.89
CA PRO A 165 -3.85 -1.38 -10.34
C PRO A 165 -4.61 -0.28 -11.11
N PRO A 166 -4.09 0.10 -12.28
CA PRO A 166 -4.77 1.10 -13.12
C PRO A 166 -6.27 0.85 -13.36
N ARG A 167 -6.64 -0.37 -13.66
CA ARG A 167 -8.04 -0.71 -13.89
C ARG A 167 -8.92 -0.36 -12.69
N GLU A 168 -8.40 -0.66 -11.52
CA GLU A 168 -9.07 -0.34 -10.30
C GLU A 168 -9.13 1.16 -10.04
N LEU A 169 -8.04 1.87 -10.32
CA LEU A 169 -8.06 3.35 -10.24
C LEU A 169 -9.11 4.00 -11.19
N LEU A 170 -9.24 3.49 -12.40
CA LEU A 170 -10.31 3.90 -13.34
C LEU A 170 -11.73 3.65 -12.77
N GLU A 171 -11.93 2.53 -12.06
CA GLU A 171 -13.22 2.31 -11.41
C GLU A 171 -13.49 3.32 -10.33
N ARG A 172 -12.46 3.62 -9.54
CA ARG A 172 -12.54 4.66 -8.49
C ARG A 172 -12.91 6.04 -9.03
N LEU A 173 -12.27 6.43 -10.12
CA LEU A 173 -12.58 7.66 -10.82
C LEU A 173 -14.06 7.67 -11.30
N ARG A 174 -14.47 6.60 -11.96
CA ARG A 174 -15.85 6.42 -12.41
C ARG A 174 -16.85 6.51 -11.27
N ASP A 175 -16.49 5.89 -10.16
CA ASP A 175 -17.37 5.73 -9.00
C ASP A 175 -17.39 6.96 -8.10
N GLY A 176 -16.76 8.06 -8.54
CA GLY A 176 -16.76 9.32 -7.83
C GLY A 176 -15.85 9.37 -6.62
N LYS A 177 -14.80 8.56 -6.60
CA LYS A 177 -13.93 8.43 -5.41
C LYS A 177 -12.60 9.18 -5.53
N VAL A 178 -12.31 9.70 -6.73
CA VAL A 178 -11.07 10.39 -7.03
C VAL A 178 -11.41 11.83 -7.35
N TYR A 179 -10.86 12.74 -6.57
CA TYR A 179 -11.07 14.14 -6.77
C TYR A 179 -9.70 14.75 -7.14
N VAL A 180 -9.68 15.51 -8.24
CA VAL A 180 -8.47 16.18 -8.72
C VAL A 180 -8.77 17.69 -8.92
N PRO A 181 -8.55 18.51 -7.86
CA PRO A 181 -9.00 19.91 -7.82
C PRO A 181 -8.52 20.85 -8.94
N GLU A 182 -7.21 20.86 -9.24
CA GLU A 182 -6.66 21.85 -10.17
C GLU A 182 -6.55 21.33 -11.63
N GLN A 183 -7.37 20.33 -11.93
CA GLN A 183 -7.41 19.68 -13.24
C GLN A 183 -8.84 19.69 -13.79
N ALA A 184 -9.03 20.40 -14.91
CA ALA A 184 -10.34 20.43 -15.59
C ALA A 184 -10.66 19.07 -16.25
N ARG A 185 -11.95 18.85 -16.50
CA ARG A 185 -12.50 17.62 -17.10
C ARG A 185 -11.78 17.09 -18.34
N ALA A 186 -11.56 17.96 -19.32
CA ALA A 186 -10.77 17.60 -20.49
C ALA A 186 -9.39 17.05 -20.11
N ALA A 187 -8.76 17.65 -19.09
CA ALA A 187 -7.41 17.26 -18.63
C ALA A 187 -7.41 15.93 -17.88
N ILE A 188 -8.41 15.74 -17.03
CA ILE A 188 -8.63 14.48 -16.31
C ILE A 188 -8.86 13.34 -17.31
N ASP A 189 -9.72 13.56 -18.31
CA ASP A 189 -9.97 12.53 -19.33
C ASP A 189 -8.69 12.19 -20.10
N ALA A 190 -7.84 13.18 -20.34
CA ALA A 190 -6.57 12.99 -21.08
C ALA A 190 -5.55 12.23 -20.23
N PHE A 191 -5.66 12.35 -18.93
CA PHE A 191 -4.69 11.77 -18.00
C PHE A 191 -5.00 10.35 -17.60
N PHE A 192 -6.22 10.14 -17.14
CA PHE A 192 -6.68 8.88 -16.59
C PHE A 192 -7.17 8.00 -17.70
N THR A 193 -6.20 7.35 -18.34
CA THR A 193 -6.44 6.24 -19.22
C THR A 193 -5.63 5.06 -18.72
N GLN A 194 -5.99 3.88 -19.20
CA GLN A 194 -5.31 2.62 -18.87
C GLN A 194 -3.85 2.70 -19.26
N THR A 195 -3.60 3.15 -20.49
CA THR A 195 -2.24 3.27 -21.00
C THR A 195 -1.40 4.23 -20.17
N ASN A 196 -1.92 5.42 -19.89
CA ASN A 196 -1.16 6.43 -19.13
C ASN A 196 -0.90 6.02 -17.68
N LEU A 197 -1.91 5.47 -17.02
CA LEU A 197 -1.80 5.04 -15.63
C LEU A 197 -0.85 3.84 -15.47
N THR A 198 -0.80 2.96 -16.47
CA THR A 198 0.16 1.86 -16.49
C THR A 198 1.58 2.40 -16.58
N ALA A 199 1.76 3.39 -17.46
CA ALA A 199 3.05 4.04 -17.65
C ALA A 199 3.51 4.72 -16.35
N LEU A 200 2.63 5.45 -15.69
CA LEU A 200 2.95 6.15 -14.44
C LEU A 200 3.22 5.20 -13.26
N ARG A 201 2.50 4.08 -13.21
CA ARG A 201 2.72 3.05 -12.22
C ARG A 201 4.12 2.46 -12.34
N GLU A 202 4.57 2.21 -13.56
CA GLU A 202 5.93 1.77 -13.83
C GLU A 202 6.95 2.81 -13.42
N ALA A 204 6.55 5.10 -10.99
CA ALA A 204 6.56 5.09 -9.53
C ALA A 204 7.39 3.91 -9.04
N GLN A 206 9.78 2.18 -10.71
CA GLN A 206 11.17 2.42 -11.07
C GLN A 206 11.79 3.47 -10.15
N THR A 207 11.05 4.54 -9.87
CA THR A 207 11.46 5.52 -8.86
C THR A 207 11.73 4.89 -7.49
N ALA A 208 10.80 4.06 -7.00
CA ALA A 208 10.94 3.42 -5.68
C ALA A 208 12.11 2.45 -5.62
N ALA A 209 12.39 1.77 -6.73
CA ALA A 209 13.45 0.78 -6.78
C ALA A 209 14.84 1.45 -6.80
N ALA A 210 14.92 2.61 -7.45
CA ALA A 210 16.15 3.41 -7.53
C ALA A 210 16.52 4.09 -6.21
N GLN A 211 15.63 4.09 -5.22
CA GLN A 211 15.93 4.68 -3.89
C GLN A 211 16.78 3.72 -3.08
N ASN B 2 -21.94 -17.10 -16.98
CA ASN B 2 -20.96 -17.54 -15.93
C ASN B 2 -19.49 -17.36 -16.35
N ALA B 3 -18.71 -16.65 -15.51
CA ALA B 3 -17.30 -16.37 -15.79
C ALA B 3 -16.44 -17.05 -14.75
N ARG B 4 -15.20 -17.31 -15.12
CA ARG B 4 -14.15 -17.70 -14.25
C ARG B 4 -13.93 -16.60 -13.23
N GLY B 5 -13.70 -17.00 -11.98
CA GLY B 5 -13.41 -16.06 -10.91
C GLY B 5 -12.12 -15.34 -11.15
N ARG B 6 -11.97 -14.19 -10.50
CA ARG B 6 -10.74 -13.38 -10.59
C ARG B 6 -9.93 -13.49 -9.33
N LEU B 7 -8.63 -13.64 -9.51
CA LEU B 7 -7.68 -13.74 -8.45
C LEU B 7 -6.93 -12.42 -8.32
N LYS B 8 -7.11 -11.76 -7.20
CA LYS B 8 -6.31 -10.63 -6.84
C LYS B 8 -5.26 -11.08 -5.78
N VAL B 9 -4.02 -10.81 -6.10
CA VAL B 9 -2.89 -11.15 -5.27
C VAL B 9 -2.33 -9.89 -4.63
N PHE B 10 -2.26 -9.90 -3.29
CA PHE B 10 -1.51 -8.89 -2.56
C PHE B 10 -0.08 -9.40 -2.35
N LEU B 11 0.87 -8.84 -3.09
CA LEU B 11 2.25 -9.28 -3.06
C LEU B 11 3.11 -8.46 -2.08
N GLY B 12 3.94 -9.16 -1.28
CA GLY B 12 4.88 -8.53 -0.36
C GLY B 12 6.27 -9.14 -0.38
N ALA B 13 7.22 -8.41 0.21
CA ALA B 13 8.63 -8.80 0.32
C ALA B 13 8.86 -9.79 1.48
N ALA B 14 8.03 -9.69 2.52
CA ALA B 14 8.28 -10.44 3.75
C ALA B 14 7.06 -10.38 4.63
N PRO B 15 6.99 -11.25 5.66
CA PRO B 15 6.01 -11.03 6.69
C PRO B 15 6.22 -9.67 7.36
N GLY B 16 5.13 -9.04 7.74
CA GLY B 16 5.17 -7.78 8.45
C GLY B 16 4.78 -6.58 7.65
N VAL B 17 4.66 -6.72 6.33
CA VAL B 17 4.54 -5.56 5.44
C VAL B 17 3.14 -5.01 5.35
N GLY B 18 2.14 -5.77 5.82
CA GLY B 18 0.73 -5.34 5.75
C GLY B 18 -0.13 -5.99 4.67
N LYS B 19 0.23 -7.19 4.22
CA LYS B 19 -0.55 -7.88 3.18
C LYS B 19 -1.99 -8.21 3.58
N THR B 20 -2.13 -8.83 4.75
CA THR B 20 -3.42 -9.26 5.23
C THR B 20 -4.26 -8.03 5.55
N TYR B 21 -3.66 -7.05 6.23
CA TYR B 21 -4.38 -5.82 6.50
C TYR B 21 -4.92 -5.16 5.22
N ALA B 22 -4.12 -5.14 4.16
CA ALA B 22 -4.50 -4.54 2.90
C ALA B 22 -5.61 -5.36 2.22
N LEU B 24 -7.87 -7.22 3.78
CA LEU B 24 -9.07 -7.03 4.54
C LEU B 24 -9.76 -5.68 4.28
N GLN B 25 -8.96 -4.64 4.04
CA GLN B 25 -9.50 -3.31 3.75
C GLN B 25 -10.17 -3.29 2.41
N ALA B 26 -9.52 -3.92 1.42
CA ALA B 26 -10.09 -4.12 0.10
C ALA B 26 -11.40 -4.91 0.15
N ALA B 27 -11.39 -5.99 0.92
CA ALA B 27 -12.58 -6.77 1.21
C ALA B 27 -13.72 -5.96 1.79
N HIS B 28 -13.42 -5.07 2.72
CA HIS B 28 -14.42 -4.22 3.35
C HIS B 28 -15.02 -3.21 2.37
N ALA B 29 -14.23 -2.73 1.43
CA ALA B 29 -14.78 -1.86 0.38
C ALA B 29 -15.74 -2.64 -0.53
N GLN B 30 -15.44 -3.89 -0.84
CA GLN B 30 -16.37 -4.71 -1.60
C GLN B 30 -17.68 -4.93 -0.82
N LEU B 31 -17.55 -5.18 0.47
CA LEU B 31 -18.68 -5.46 1.32
C LEU B 31 -19.63 -4.23 1.43
N ARG B 32 -19.04 -3.04 1.58
CA ARG B 32 -19.82 -1.80 1.52
C ARG B 32 -20.58 -1.60 0.19
N GLN B 33 -20.03 -2.15 -0.90
CA GLN B 33 -20.69 -2.12 -2.20
C GLN B 33 -21.67 -3.29 -2.42
N GLY B 34 -22.02 -4.02 -1.36
CA GLY B 34 -23.02 -5.06 -1.42
C GLY B 34 -22.53 -6.42 -1.90
N VAL B 35 -21.21 -6.59 -2.09
CA VAL B 35 -20.60 -7.91 -2.41
C VAL B 35 -20.71 -8.92 -1.25
N ARG B 36 -21.11 -10.16 -1.58
CA ARG B 36 -21.13 -11.27 -0.63
C ARG B 36 -19.74 -11.80 -0.38
N VAL B 37 -19.13 -11.28 0.68
CA VAL B 37 -17.77 -11.55 1.07
C VAL B 37 -17.69 -12.53 2.24
N ALA B 39 -14.61 -14.77 4.56
CA ALA B 39 -13.21 -15.06 4.91
C ALA B 39 -13.07 -16.56 4.85
N GLY B 40 -12.16 -17.04 4.01
CA GLY B 40 -11.91 -18.50 3.82
C GLY B 40 -10.83 -18.96 4.79
N VAL B 41 -9.74 -18.19 4.80
CA VAL B 41 -8.64 -18.37 5.77
C VAL B 41 -7.86 -17.04 5.81
N VAL B 42 -7.81 -16.51 7.00
CA VAL B 42 -7.20 -15.22 7.26
C VAL B 42 -6.34 -15.35 8.51
N GLU B 43 -5.07 -14.97 8.36
CA GLU B 43 -4.14 -14.97 9.47
C GLU B 43 -3.99 -13.57 10.04
N THR B 44 -4.49 -13.32 11.23
CA THR B 44 -4.36 -11.97 11.81
C THR B 44 -3.08 -11.82 12.61
N HIS B 45 -2.46 -12.97 12.91
CA HIS B 45 -1.15 -13.06 13.56
C HIS B 45 -1.04 -12.13 14.80
N GLY B 46 -2.09 -12.11 15.64
CA GLY B 46 -2.07 -11.32 16.88
C GLY B 46 -2.48 -9.84 16.81
N ARG B 47 -2.44 -9.24 15.64
CA ARG B 47 -2.64 -7.82 15.49
C ARG B 47 -4.10 -7.44 15.66
N ALA B 48 -4.35 -6.62 16.67
CA ALA B 48 -5.68 -6.22 17.08
C ALA B 48 -6.47 -5.52 15.98
N GLU B 49 -5.79 -4.67 15.22
CA GLU B 49 -6.44 -3.88 14.17
C GLU B 49 -6.91 -4.75 12.99
N THR B 50 -6.16 -5.83 12.75
CA THR B 50 -6.48 -6.80 11.74
C THR B 50 -7.58 -7.75 12.18
N GLU B 51 -7.50 -8.18 13.42
CA GLU B 51 -8.60 -8.92 14.07
C GLU B 51 -9.91 -8.14 13.97
N ALA B 52 -9.86 -6.83 14.18
CA ALA B 52 -11.07 -6.02 14.17
C ALA B 52 -11.68 -6.01 12.79
N LEU B 53 -10.87 -5.85 11.74
CA LEU B 53 -11.35 -5.95 10.35
C LEU B 53 -11.96 -7.32 9.99
N LEU B 54 -11.30 -8.39 10.44
CA LEU B 54 -11.76 -9.76 10.24
C LEU B 54 -13.13 -10.02 10.90
N ASN B 55 -13.34 -9.45 12.08
CA ASN B 55 -14.60 -9.61 12.78
C ASN B 55 -15.77 -8.91 12.12
N GLY B 56 -15.51 -7.96 11.22
CA GLY B 56 -16.56 -7.41 10.37
C GLY B 56 -16.92 -8.20 9.13
N LEU B 57 -16.41 -9.42 9.00
CA LEU B 57 -16.69 -10.23 7.84
C LEU B 57 -17.14 -11.60 8.29
N PRO B 58 -18.12 -12.21 7.57
CA PRO B 58 -18.50 -13.61 7.74
C PRO B 58 -17.29 -14.51 7.54
N GLN B 59 -17.25 -15.57 8.33
CA GLN B 59 -16.09 -16.44 8.42
C GLN B 59 -16.58 -17.88 8.28
N GLN B 60 -15.84 -18.68 7.53
CA GLN B 60 -16.10 -20.07 7.39
C GLN B 60 -15.16 -20.76 8.34
N PRO B 61 -15.68 -21.51 9.32
CA PRO B 61 -14.72 -22.14 10.21
C PRO B 61 -13.74 -23.10 9.49
N LEU B 62 -12.51 -23.11 10.00
CA LEU B 62 -11.46 -24.01 9.54
C LEU B 62 -11.65 -25.46 10.01
N LEU B 63 -11.19 -26.39 9.19
CA LEU B 63 -11.18 -27.81 9.51
C LEU B 63 -9.95 -28.15 10.35
N ARG B 64 -10.20 -28.69 11.54
CA ARG B 64 -9.12 -29.02 12.47
C ARG B 64 -8.75 -30.49 12.31
N THR B 65 -7.45 -30.78 12.17
CA THR B 65 -6.92 -32.16 12.19
C THR B 65 -5.65 -32.28 13.02
N GLU B 66 -5.34 -33.51 13.44
CA GLU B 66 -4.10 -33.79 14.18
C GLU B 66 -3.12 -34.49 13.24
N TYR B 67 -1.88 -34.05 13.27
CA TYR B 67 -0.85 -34.67 12.43
C TYR B 67 0.50 -34.59 13.13
N ARG B 68 1.12 -35.73 13.40
CA ARG B 68 2.42 -35.74 14.06
C ARG B 68 2.43 -34.86 15.29
N GLY B 69 1.42 -34.99 16.14
CA GLY B 69 1.32 -34.17 17.33
C GLY B 69 1.32 -32.66 17.05
N THR B 71 -1.81 -29.75 15.95
CA THR B 71 -3.16 -29.37 15.47
C THR B 71 -3.03 -28.46 14.23
N LEU B 72 -3.63 -28.91 13.15
CA LEU B 72 -3.53 -28.28 11.84
C LEU B 72 -4.91 -27.76 11.51
N GLU B 73 -5.00 -26.55 10.96
CA GLU B 73 -6.26 -25.99 10.50
C GLU B 73 -6.19 -25.70 9.03
N GLU B 74 -7.28 -25.95 8.35
CA GLU B 74 -7.31 -25.83 6.93
C GLU B 74 -8.61 -25.18 6.48
N ASP B 76 -12.04 -24.70 4.73
CA ASP B 76 -13.12 -25.64 4.42
C ASP B 76 -13.63 -25.34 3.03
N LEU B 77 -12.84 -25.75 2.05
CA LEU B 77 -13.14 -25.59 0.62
C LEU B 77 -14.55 -26.04 0.21
N ASP B 78 -14.94 -27.22 0.64
CA ASP B 78 -16.25 -27.77 0.26
C ASP B 78 -17.38 -26.90 0.75
N ALA B 79 -17.28 -26.43 1.99
CA ALA B 79 -18.28 -25.53 2.57
C ALA B 79 -18.33 -24.21 1.84
N LEU B 80 -17.16 -23.70 1.42
CA LEU B 80 -17.11 -22.43 0.70
C LEU B 80 -17.76 -22.56 -0.62
N LEU B 81 -17.46 -23.65 -1.33
CA LEU B 81 -18.11 -23.93 -2.61
C LEU B 81 -19.61 -23.97 -2.49
N LYS B 82 -20.08 -24.61 -1.43
CA LYS B 82 -21.51 -24.77 -1.21
C LYS B 82 -22.18 -23.46 -0.79
N ALA B 83 -21.54 -22.66 0.08
CA ALA B 83 -22.03 -21.31 0.44
C ALA B 83 -22.11 -20.38 -0.77
N ALA B 84 -21.23 -20.62 -1.75
CA ALA B 84 -21.14 -19.87 -3.02
C ALA B 84 -21.08 -18.39 -2.78
N PRO B 85 -20.11 -17.92 -2.00
CA PRO B 85 -20.01 -16.46 -1.88
C PRO B 85 -19.48 -15.85 -3.17
N SER B 86 -19.51 -14.54 -3.24
CA SER B 86 -19.01 -13.86 -4.41
C SER B 86 -17.47 -13.67 -4.36
N LEU B 87 -16.94 -13.44 -3.15
CA LEU B 87 -15.53 -13.15 -2.89
C LEU B 87 -15.11 -13.92 -1.64
N VAL B 88 -14.02 -14.67 -1.77
CA VAL B 88 -13.41 -15.40 -0.67
C VAL B 88 -11.99 -14.90 -0.46
N LEU B 89 -11.66 -14.68 0.81
CA LEU B 89 -10.36 -14.26 1.23
C LEU B 89 -9.51 -15.45 1.64
N VAL B 90 -8.32 -15.56 1.05
CA VAL B 90 -7.43 -16.72 1.23
C VAL B 90 -5.97 -16.31 1.39
N ASP B 91 -5.57 -16.11 2.63
CA ASP B 91 -4.18 -15.87 2.99
C ASP B 91 -3.27 -17.00 2.56
N GLU B 92 -2.03 -16.65 2.27
CA GLU B 92 -0.95 -17.58 2.04
C GLU B 92 -1.16 -18.50 0.84
N LEU B 93 -0.99 -17.89 -0.33
CA LEU B 93 -1.21 -18.51 -1.61
C LEU B 93 -0.31 -19.74 -1.84
N ALA B 94 0.89 -19.77 -1.20
CA ALA B 94 1.88 -20.86 -1.34
C ALA B 94 1.76 -22.00 -0.33
N HIS B 95 0.75 -21.96 0.52
CA HIS B 95 0.54 -22.90 1.60
C HIS B 95 0.32 -24.28 1.05
N THR B 96 1.02 -25.22 1.69
CA THR B 96 0.84 -26.68 1.51
C THR B 96 -0.17 -27.15 2.53
N ASN B 97 -1.20 -27.83 2.04
CA ASN B 97 -2.36 -28.17 2.83
C ASN B 97 -2.09 -29.30 3.82
N ALA B 98 -2.87 -29.34 4.89
CA ALA B 98 -2.84 -30.45 5.83
C ALA B 98 -2.95 -31.79 5.10
N PRO B 99 -2.24 -32.83 5.60
CA PRO B 99 -2.49 -34.17 5.05
C PRO B 99 -3.94 -34.57 5.09
N GLY B 100 -4.37 -35.28 4.06
CA GLY B 100 -5.72 -35.73 3.93
C GLY B 100 -6.55 -34.80 3.09
N SER B 101 -6.04 -33.61 2.77
CA SER B 101 -6.79 -32.61 1.99
C SER B 101 -6.99 -33.12 0.58
N ARG B 102 -8.11 -32.78 -0.06
CA ARG B 102 -8.30 -33.11 -1.45
C ARG B 102 -7.16 -32.65 -2.37
N HIS B 103 -6.62 -31.45 -2.12
CA HIS B 103 -5.49 -30.92 -2.87
C HIS B 103 -4.31 -30.79 -1.95
N THR B 104 -3.13 -31.04 -2.49
CA THR B 104 -1.85 -30.81 -1.84
C THR B 104 -1.63 -29.34 -1.44
N LYS B 105 -2.02 -28.44 -2.35
CA LYS B 105 -1.67 -27.05 -2.26
C LYS B 105 -2.92 -26.14 -2.20
N ARG B 106 -2.84 -25.12 -1.36
CA ARG B 106 -3.88 -24.13 -1.25
C ARG B 106 -4.19 -23.44 -2.57
N TRP B 107 -3.17 -23.23 -3.41
CA TRP B 107 -3.39 -22.63 -4.72
C TRP B 107 -4.31 -23.47 -5.59
N GLN B 108 -4.28 -24.79 -5.40
CA GLN B 108 -5.19 -25.71 -6.11
C GLN B 108 -6.62 -25.56 -5.60
N ASP B 109 -6.78 -25.35 -4.29
CA ASP B 109 -8.08 -25.01 -3.69
C ASP B 109 -8.63 -23.75 -4.34
N ILE B 110 -7.80 -22.73 -4.41
CA ILE B 110 -8.14 -21.47 -5.09
C ILE B 110 -8.59 -21.72 -6.54
N GLN B 111 -7.88 -22.53 -7.30
CA GLN B 111 -8.30 -22.83 -8.68
C GLN B 111 -9.74 -23.32 -8.70
N GLU B 112 -10.09 -24.12 -7.70
CA GLU B 112 -11.39 -24.69 -7.61
C GLU B 112 -12.48 -23.62 -7.35
N LEU B 113 -12.14 -22.64 -6.52
CA LEU B 113 -13.04 -21.54 -6.27
C LEU B 113 -13.20 -20.68 -7.53
N LEU B 114 -12.10 -20.40 -8.22
CA LEU B 114 -12.13 -19.61 -9.44
C LEU B 114 -13.00 -20.29 -10.52
N ALA B 115 -12.85 -21.62 -10.61
CA ALA B 115 -13.61 -22.45 -11.56
C ALA B 115 -15.12 -22.34 -11.34
N ALA B 116 -15.51 -22.16 -10.10
CA ALA B 116 -16.92 -22.02 -9.68
C ALA B 116 -17.43 -20.58 -9.79
N GLY B 117 -16.61 -19.67 -10.31
CA GLY B 117 -17.03 -18.29 -10.52
C GLY B 117 -16.80 -17.38 -9.32
N ILE B 118 -16.12 -17.91 -8.31
CA ILE B 118 -15.90 -17.19 -7.06
C ILE B 118 -14.60 -16.46 -7.19
N ASP B 119 -14.66 -15.14 -6.90
CA ASP B 119 -13.48 -14.31 -6.90
C ASP B 119 -12.70 -14.52 -5.62
N VAL B 120 -11.37 -14.43 -5.71
CA VAL B 120 -10.50 -14.74 -4.59
C VAL B 120 -9.48 -13.61 -4.41
N TYR B 121 -9.32 -13.18 -3.18
CA TYR B 121 -8.18 -12.33 -2.78
C TYR B 121 -7.27 -13.23 -1.96
N THR B 122 -5.97 -13.08 -2.19
CA THR B 122 -4.96 -13.87 -1.57
C THR B 122 -3.72 -12.98 -1.32
N THR B 123 -2.80 -13.50 -0.51
CA THR B 123 -1.54 -12.84 -0.14
C THR B 123 -0.40 -13.82 -0.36
N VAL B 124 0.75 -13.30 -0.73
CA VAL B 124 1.94 -14.10 -0.93
C VAL B 124 3.19 -13.21 -0.73
N ASN B 125 4.16 -13.75 0.00
CA ASN B 125 5.53 -13.24 -0.01
C ASN B 125 6.28 -13.74 -1.21
N VAL B 126 7.11 -12.86 -1.78
CA VAL B 126 7.80 -13.14 -3.03
C VAL B 126 8.73 -14.34 -2.97
N GLN B 127 9.26 -14.68 -1.80
CA GLN B 127 10.18 -15.83 -1.63
C GLN B 127 9.65 -17.17 -2.09
N HIS B 128 8.33 -17.30 -2.24
CA HIS B 128 7.69 -18.59 -2.50
C HIS B 128 7.64 -18.88 -3.97
N LEU B 129 7.85 -17.88 -4.82
CA LEU B 129 7.84 -18.12 -6.26
C LEU B 129 8.90 -19.14 -6.63
N GLU B 130 8.48 -20.19 -7.33
CA GLU B 130 9.35 -21.26 -7.78
C GLU B 130 10.62 -20.71 -8.44
N SER B 131 10.46 -19.79 -9.40
CA SER B 131 11.60 -19.25 -10.14
C SER B 131 12.61 -18.52 -9.29
N LEU B 132 12.19 -18.03 -8.12
CA LEU B 132 13.07 -17.28 -7.21
C LEU B 132 13.70 -18.13 -6.10
N ASN B 133 13.42 -19.43 -6.07
CA ASN B 133 13.85 -20.31 -4.97
C ASN B 133 15.35 -20.34 -4.68
N ASP B 134 16.14 -20.58 -5.71
CA ASP B 134 17.60 -20.63 -5.56
C ASP B 134 18.17 -19.25 -5.22
N GLN B 135 17.68 -18.22 -5.91
CA GLN B 135 18.12 -16.86 -5.57
C GLN B 135 17.94 -16.56 -4.09
N VAL B 136 16.75 -16.86 -3.54
CA VAL B 136 16.42 -16.68 -2.10
C VAL B 136 17.31 -17.52 -1.15
N ARG B 137 17.56 -18.78 -1.48
CA ARG B 137 18.46 -19.58 -0.67
C ARG B 137 19.89 -19.01 -0.69
N GLY B 138 20.35 -18.53 -1.84
CA GLY B 138 21.69 -17.96 -1.95
C GLY B 138 21.88 -16.64 -1.21
N ILE B 139 20.85 -15.81 -1.21
CA ILE B 139 20.82 -14.54 -0.46
C ILE B 139 20.72 -14.79 1.04
N THR B 140 19.71 -15.58 1.46
CA THR B 140 19.36 -15.74 2.88
C THR B 140 19.95 -16.97 3.55
N GLY B 141 20.35 -17.96 2.78
CA GLY B 141 20.76 -19.27 3.31
C GLY B 141 19.61 -20.14 3.82
N VAL B 142 18.37 -19.67 3.70
CA VAL B 142 17.19 -20.41 4.14
C VAL B 142 16.51 -21.03 2.94
N GLN B 143 16.11 -22.28 3.13
CA GLN B 143 15.53 -23.10 2.06
C GLN B 143 14.04 -22.83 2.05
N VAL B 144 13.48 -22.37 0.92
CA VAL B 144 12.02 -22.21 0.85
C VAL B 144 11.38 -23.53 0.41
N ARG B 145 10.57 -24.10 1.30
CA ARG B 145 10.02 -25.42 1.08
C ARG B 145 8.59 -25.40 0.56
N GLU B 146 7.86 -24.34 0.86
CA GLU B 146 6.50 -24.12 0.31
C GLU B 146 6.66 -23.19 -0.87
N THR B 147 6.44 -23.70 -2.07
CA THR B 147 6.59 -22.89 -3.24
C THR B 147 5.28 -22.77 -4.03
N LEU B 148 5.32 -21.80 -4.92
CA LEU B 148 4.24 -21.49 -5.81
C LEU B 148 4.77 -21.50 -7.25
N PRO B 149 4.14 -22.27 -8.15
CA PRO B 149 4.50 -22.12 -9.57
C PRO B 149 4.15 -20.73 -10.08
N ASP B 150 5.10 -20.14 -10.79
CA ASP B 150 4.96 -18.77 -11.33
C ASP B 150 3.70 -18.61 -12.21
N TRP B 151 3.38 -19.67 -12.94
CA TRP B 151 2.18 -19.79 -13.76
C TRP B 151 0.92 -19.37 -13.01
N VAL B 152 0.77 -19.80 -11.76
CA VAL B 152 -0.40 -19.39 -10.94
C VAL B 152 -0.57 -17.87 -10.86
N LEU B 153 0.53 -17.14 -10.79
CA LEU B 153 0.46 -15.68 -10.80
C LEU B 153 0.18 -15.05 -12.14
N GLN B 154 0.38 -15.76 -13.25
CA GLN B 154 0.30 -15.13 -14.54
C GLN B 154 -1.10 -14.67 -14.84
N GLU B 155 -2.08 -15.45 -14.40
CA GLU B 155 -3.48 -15.07 -14.64
C GLU B 155 -4.04 -14.14 -13.57
N ALA B 156 -3.28 -13.90 -12.50
CA ALA B 156 -3.72 -12.97 -11.48
C ALA B 156 -4.30 -11.74 -12.15
N PHE B 157 -5.46 -11.34 -11.67
CA PHE B 157 -6.17 -10.15 -12.13
C PHE B 157 -5.88 -9.05 -11.06
N ASP B 158 -5.25 -7.98 -11.45
CA ASP B 158 -5.10 -6.86 -10.53
C ASP B 158 -4.17 -7.11 -9.30
N LEU B 159 -3.03 -7.75 -9.53
CA LEU B 159 -1.93 -7.78 -8.54
C LEU B 159 -1.52 -6.42 -7.91
N VAL B 160 -1.36 -6.38 -6.61
CA VAL B 160 -0.98 -5.16 -5.92
C VAL B 160 0.20 -5.42 -4.97
N LEU B 161 1.20 -4.54 -5.07
CA LEU B 161 2.36 -4.58 -4.24
C LEU B 161 2.12 -3.80 -2.97
N ILE B 162 2.38 -4.49 -1.87
CA ILE B 162 2.36 -3.91 -0.53
C ILE B 162 3.81 -3.74 -0.08
N ASP B 163 4.16 -2.51 0.23
CA ASP B 163 5.55 -2.15 0.42
C ASP B 163 5.74 -1.60 1.81
N LEU B 164 6.89 -1.88 2.41
CA LEU B 164 7.27 -1.27 3.66
C LEU B 164 8.80 -1.16 3.60
N PRO B 165 9.37 -0.03 4.05
CA PRO B 165 10.85 -0.02 4.12
C PRO B 165 11.44 -1.12 5.05
N PRO B 166 12.50 -1.82 4.61
CA PRO B 166 13.28 -2.79 5.47
C PRO B 166 13.55 -2.25 6.89
N ARG B 167 14.04 -1.03 6.95
CA ARG B 167 14.41 -0.41 8.21
C ARG B 167 13.20 -0.40 9.13
N GLU B 168 12.05 -0.06 8.58
CA GLU B 168 10.82 -0.06 9.33
C GLU B 168 10.34 -1.46 9.71
N LEU B 169 10.47 -2.39 8.78
CA LEU B 169 10.10 -3.78 9.01
C LEU B 169 10.96 -4.41 10.17
N LEU B 170 12.23 -4.06 10.20
CA LEU B 170 13.12 -4.45 11.30
C LEU B 170 12.70 -3.89 12.66
N GLU B 171 12.18 -2.66 12.72
CA GLU B 171 11.61 -2.16 13.99
C GLU B 171 10.37 -2.93 14.41
N ARG B 172 9.47 -3.24 13.48
CA ARG B 172 8.25 -3.99 13.84
C ARG B 172 8.62 -5.35 14.42
N LEU B 173 9.60 -5.99 13.79
CA LEU B 173 10.13 -7.29 14.25
C LEU B 173 10.66 -7.17 15.65
N ARG B 174 11.54 -6.21 15.88
CA ARG B 174 12.04 -5.90 17.21
C ARG B 174 10.95 -5.62 18.27
N ASP B 175 9.87 -4.98 17.82
CA ASP B 175 8.81 -4.55 18.70
C ASP B 175 7.75 -5.59 18.95
N GLY B 176 7.92 -6.79 18.41
CA GLY B 176 6.96 -7.86 18.62
C GLY B 176 5.71 -7.81 17.76
N LYS B 177 5.78 -7.10 16.62
CA LYS B 177 4.60 -6.89 15.78
C LYS B 177 4.59 -7.77 14.54
N VAL B 178 5.67 -8.52 14.33
CA VAL B 178 5.80 -9.50 13.25
C VAL B 178 5.79 -10.93 13.81
N TYR B 179 4.68 -11.62 13.66
CA TYR B 179 4.62 -13.03 13.97
C TYR B 179 5.07 -13.90 12.78
N VAL B 180 5.99 -14.83 13.06
CA VAL B 180 6.28 -16.02 12.19
C VAL B 180 6.88 -17.23 12.97
N ALA B 186 16.51 -18.28 15.04
CA ALA B 186 17.71 -18.71 14.30
C ALA B 186 17.50 -18.63 12.78
N ALA B 187 16.37 -19.15 12.30
CA ALA B 187 16.02 -19.03 10.88
C ALA B 187 15.70 -17.59 10.63
N ILE B 188 14.80 -17.03 11.44
CA ILE B 188 14.32 -15.66 11.16
C ILE B 188 15.39 -14.59 11.33
N ASP B 189 16.41 -14.91 12.13
CA ASP B 189 17.63 -14.10 12.20
C ASP B 189 18.30 -14.01 10.84
N ALA B 190 18.39 -15.15 10.15
CA ALA B 190 19.10 -15.24 8.85
C ALA B 190 18.41 -14.40 7.79
N PHE B 191 17.10 -14.32 7.92
CA PHE B 191 16.25 -13.74 6.93
C PHE B 191 16.04 -12.21 7.10
N PHE B 192 15.77 -11.80 8.32
CA PHE B 192 15.46 -10.39 8.65
C PHE B 192 16.70 -9.55 8.92
N THR B 193 17.45 -9.27 7.85
CA THR B 193 18.55 -8.33 7.88
C THR B 193 18.24 -7.22 6.86
N GLN B 194 18.91 -6.09 7.02
CA GLN B 194 18.70 -4.94 6.15
C GLN B 194 19.03 -5.27 4.70
N THR B 195 20.12 -6.00 4.52
CA THR B 195 20.52 -6.39 3.19
C THR B 195 19.56 -7.46 2.61
N ASN B 196 19.15 -8.44 3.40
CA ASN B 196 18.25 -9.48 2.86
C ASN B 196 16.88 -8.93 2.56
N LEU B 197 16.35 -8.12 3.47
CA LEU B 197 15.06 -7.47 3.25
C LEU B 197 15.06 -6.47 2.08
N THR B 198 16.18 -5.79 1.89
CA THR B 198 16.34 -4.94 0.71
C THR B 198 16.29 -5.77 -0.58
N ALA B 199 16.99 -6.89 -0.59
CA ALA B 199 17.01 -7.73 -1.79
C ALA B 199 15.62 -8.30 -2.12
N LEU B 200 14.87 -8.67 -1.09
CA LEU B 200 13.54 -9.20 -1.28
C LEU B 200 12.54 -8.12 -1.71
N ARG B 201 12.72 -6.89 -1.24
CA ARG B 201 11.91 -5.74 -1.68
C ARG B 201 12.11 -5.53 -3.18
N GLU B 202 13.35 -5.66 -3.65
CA GLU B 202 13.66 -5.59 -5.08
C GLU B 202 13.02 -6.72 -5.86
N ALA B 204 10.35 -8.41 -5.10
CA ALA B 204 8.92 -8.16 -5.09
C ALA B 204 8.53 -7.08 -6.12
N GLN B 206 10.26 -6.22 -8.87
CA GLN B 206 10.53 -6.79 -10.19
C GLN B 206 9.42 -7.76 -10.62
N THR B 207 8.94 -8.54 -9.67
CA THR B 207 7.83 -9.46 -9.90
C THR B 207 6.53 -8.71 -10.24
N ALA B 208 6.20 -7.69 -9.43
CA ALA B 208 5.07 -6.79 -9.70
C ALA B 208 5.18 -6.18 -11.08
N ALA B 209 6.35 -5.63 -11.39
CA ALA B 209 6.59 -5.11 -12.72
C ALA B 209 6.31 -6.16 -13.82
N ALA B 210 6.89 -7.35 -13.70
CA ALA B 210 6.83 -8.32 -14.80
C ALA B 210 5.45 -8.96 -15.05
N GLN B 211 4.66 -9.11 -14.00
CA GLN B 211 3.39 -9.86 -14.04
C GLN B 211 2.32 -8.98 -14.67
N VAL B 212 2.37 -7.73 -14.24
CA VAL B 212 1.60 -6.65 -14.85
C VAL B 212 1.88 -6.54 -16.33
N ASP B 213 3.10 -6.89 -16.74
CA ASP B 213 3.46 -6.96 -18.17
C ASP B 213 3.58 -8.39 -18.71
#